data_6C5J
#
_entry.id   6C5J
#
_cell.length_a   116.233
_cell.length_b   45.453
_cell.length_c   75.671
_cell.angle_alpha   90.000
_cell.angle_beta   105.310
_cell.angle_gamma   90.000
#
_symmetry.space_group_name_H-M   'C 1 2 1'
#
loop_
_entity.id
_entity.type
_entity.pdbx_description
1 polymer 'IgG1 Fab Heavy Chain'
2 polymer 'IgG1 Fab Light Chain (Kappa)'
3 branched '3-deoxy-alpha-D-manno-oct-2-ulopyranosonic acid-(2-8)-3-deoxy-alpha-D-manno-oct-2-ulopyranosonic acid-(2-4)-3-deoxy-alpha-D-manno-oct-2-ulopyranosonic acid-(2-6)-2-amino-2-deoxy-4-O-phosphono-beta-D-glucopyranose-(1-6)-2-amino-2-deoxy-1-O-phosphono-alpha-D-glucopyranose'
4 non-polymer 2-acetamido-2-deoxy-beta-D-glucopyranose
5 water water
#
loop_
_entity_poly.entity_id
_entity_poly.type
_entity_poly.pdbx_seq_one_letter_code
_entity_poly.pdbx_strand_id
1 'polypeptide(L)'
;EVQLQESGPGLVQPSQSLSITCTVSGFSLTTYGVHWVRQSPGKGLEWLGVIWSGGTTEYNAAFISRLSISKDNSKSQVFF
KMNSLQTNDTAIYFCVRMRITTDWFAYWGQGTLVTVSAAKTTPPSVYPLAPGSAAQTNSMVTLGCLVKGYFPEPVTVTWN
SGSLSSGVHTFPAVLQSDLYTLSSSVTVPSSTWPSETVTCNVAHPASSTKVDKKIVPR
;
H
2 'polypeptide(L)'
;DVLMTQTPLSLPVSLGDQASISCRSSQTIVHKNGNTYLEWYLQKPGQSPKLLIYKVSNRFSGVPDRFSGSGSGTDFTLKI
SRVEAADLGVYYCFQGSHVPYTFGGGTKLEIKRADAAPTVSIFPPSSEQLTSGGASVVCFLNNFYPKDINVKWKIDGSER
QNGVLNSWTDQDSKDSTYSMSSTLTLTKDEYERHNSYTCEATHKTSTSPIVKSFNRNEC
;
L
#
loop_
_chem_comp.id
_chem_comp.type
_chem_comp.name
_chem_comp.formula
GP1 D-saccharide 2-amino-2-deoxy-1-O-phosphono-alpha-D-glucopyranose 'C6 H14 N O8 P'
KDO D-saccharide, alpha linking '3-deoxy-alpha-D-manno-oct-2-ulopyranosonic acid' 'C8 H14 O8'
NAG D-saccharide, beta linking 2-acetamido-2-deoxy-beta-D-glucopyranose 'C8 H15 N O6'
Z9M D-saccharide, beta linking 2-amino-2-deoxy-4-O-phosphono-beta-D-glucopyranose 'C6 H14 N O8 P'
#
# COMPACT_ATOMS: atom_id res chain seq x y z
N GLU A 1 -13.31 -12.62 -14.58
CA GLU A 1 -12.96 -14.08 -14.42
C GLU A 1 -11.46 -14.43 -14.58
N VAL A 2 -10.58 -13.42 -14.59
CA VAL A 2 -9.13 -13.62 -14.64
C VAL A 2 -8.53 -13.41 -13.26
N GLN A 3 -7.74 -14.39 -12.83
CA GLN A 3 -7.13 -14.36 -11.50
C GLN A 3 -5.77 -15.04 -11.53
N LEU A 4 -4.85 -14.49 -10.75
CA LEU A 4 -3.52 -15.05 -10.54
C LEU A 4 -3.41 -15.14 -9.02
N GLN A 5 -3.62 -16.34 -8.48
CA GLN A 5 -3.58 -16.58 -7.04
C GLN A 5 -2.17 -17.04 -6.70
N GLU A 6 -1.63 -16.52 -5.62
CA GLU A 6 -0.27 -16.79 -5.21
C GLU A 6 -0.31 -17.42 -3.83
N SER A 7 0.48 -18.46 -3.65
CA SER A 7 0.70 -19.02 -2.32
C SER A 7 2.20 -19.19 -2.10
N GLY A 8 2.70 -18.69 -0.99
CA GLY A 8 4.08 -18.85 -0.60
C GLY A 8 4.32 -18.37 0.82
N PRO A 9 5.51 -18.65 1.37
CA PRO A 9 5.81 -18.31 2.77
C PRO A 9 6.01 -16.80 2.99
N GLY A 10 5.65 -16.32 4.19
CA GLY A 10 6.04 -15.00 4.63
C GLY A 10 7.52 -14.97 5.01
N LEU A 11 7.94 -15.98 5.76
CA LEU A 11 9.23 -15.93 6.43
C LEU A 11 10.17 -17.03 5.91
N VAL A 12 11.39 -16.66 5.52
CA VAL A 12 12.39 -17.62 5.06
C VAL A 12 13.73 -17.34 5.73
N GLN A 13 14.40 -18.40 6.18
CA GLN A 13 15.69 -18.23 6.86
C GLN A 13 16.74 -17.79 5.87
N PRO A 14 17.73 -16.98 6.32
CA PRO A 14 18.87 -16.66 5.46
C PRO A 14 19.59 -17.91 4.90
N SER A 15 20.03 -17.79 3.64
CA SER A 15 20.66 -18.86 2.83
C SER A 15 19.75 -20.04 2.37
N GLN A 16 18.51 -20.12 2.84
CA GLN A 16 17.56 -21.13 2.35
C GLN A 16 16.87 -20.65 1.07
N SER A 17 15.94 -21.44 0.56
CA SER A 17 15.28 -21.15 -0.70
C SER A 17 13.80 -20.79 -0.53
N LEU A 18 13.27 -20.16 -1.57
CA LEU A 18 11.91 -19.64 -1.61
C LEU A 18 11.18 -20.34 -2.72
N SER A 19 9.99 -20.85 -2.41
CA SER A 19 9.11 -21.49 -3.38
C SER A 19 7.74 -20.86 -3.39
N ILE A 20 7.30 -20.41 -4.56
CA ILE A 20 6.02 -19.73 -4.71
C ILE A 20 5.29 -20.30 -5.90
N THR A 21 4.03 -20.63 -5.70
CA THR A 21 3.18 -21.12 -6.75
C THR A 21 2.17 -20.05 -7.15
N CYS A 22 2.14 -19.75 -8.44
CA CYS A 22 1.12 -18.90 -9.02
C CYS A 22 0.11 -19.80 -9.75
N THR A 23 -1.17 -19.74 -9.35
CA THR A 23 -2.25 -20.51 -10.02
C THR A 23 -3.09 -19.58 -10.88
N VAL A 24 -3.12 -19.83 -12.17
CA VAL A 24 -3.86 -19.01 -13.10
C VAL A 24 -5.28 -19.57 -13.27
N SER A 25 -6.22 -18.68 -13.49
CA SER A 25 -7.53 -19.05 -14.00
C SER A 25 -8.00 -17.96 -14.94
N GLY A 26 -8.62 -18.37 -16.04
CA GLY A 26 -9.11 -17.41 -17.05
C GLY A 26 -8.41 -17.55 -18.39
N PHE A 27 -7.11 -17.79 -18.38
CA PHE A 27 -6.37 -18.07 -19.60
C PHE A 27 -5.52 -19.30 -19.41
N SER A 28 -5.07 -19.85 -20.53
CA SER A 28 -4.34 -21.12 -20.55
C SER A 28 -2.87 -20.86 -20.68
N LEU A 29 -2.08 -21.63 -19.95
CA LEU A 29 -0.62 -21.52 -20.01
C LEU A 29 0.03 -22.03 -21.29
N THR A 30 -0.70 -22.82 -22.09
CA THR A 30 -0.24 -23.23 -23.41
C THR A 30 -0.35 -22.12 -24.47
N THR A 31 -1.05 -21.04 -24.13
CA THR A 31 -1.20 -19.88 -25.00
C THR A 31 -0.40 -18.66 -24.53
N TYR A 32 -0.24 -18.45 -23.23
CA TYR A 32 0.34 -17.19 -22.72
C TYR A 32 1.52 -17.33 -21.75
N GLY A 33 2.50 -16.44 -21.91
CA GLY A 33 3.62 -16.33 -20.98
C GLY A 33 3.28 -15.65 -19.66
N VAL A 34 3.96 -16.07 -18.59
CA VAL A 34 3.75 -15.54 -17.24
C VAL A 34 5.08 -15.06 -16.71
N HIS A 35 5.09 -13.87 -16.09
CA HIS A 35 6.33 -13.24 -15.62
C HIS A 35 6.37 -13.23 -14.11
N TRP A 36 7.58 -13.06 -13.56
CA TRP A 36 7.78 -12.84 -12.14
C TRP A 36 8.56 -11.53 -11.94
N VAL A 37 8.01 -10.70 -11.07
CA VAL A 37 8.51 -9.38 -10.74
C VAL A 37 8.57 -9.34 -9.22
N ARG A 38 9.53 -8.61 -8.68
CA ARG A 38 9.48 -8.25 -7.27
C ARG A 38 9.55 -6.75 -7.04
N GLN A 39 8.99 -6.33 -5.91
CA GLN A 39 9.07 -4.95 -5.47
C GLN A 39 9.75 -4.88 -4.12
N SER A 40 10.76 -4.03 -4.02
CA SER A 40 11.40 -3.75 -2.76
C SER A 40 11.75 -2.25 -2.65
N PRO A 41 11.60 -1.64 -1.45
CA PRO A 41 11.94 -0.21 -1.29
C PRO A 41 13.36 0.17 -1.74
N GLY A 42 14.31 -0.77 -1.62
CA GLY A 42 15.65 -0.57 -2.16
C GLY A 42 15.68 -0.25 -3.65
N LYS A 43 15.39 -1.27 -4.48
CA LYS A 43 15.56 -1.20 -5.94
C LYS A 43 14.28 -1.00 -6.77
N GLY A 44 13.17 -0.65 -6.12
CA GLY A 44 11.89 -0.45 -6.81
C GLY A 44 11.41 -1.76 -7.43
N LEU A 45 10.90 -1.69 -8.65
CA LEU A 45 10.38 -2.88 -9.35
C LEU A 45 11.48 -3.53 -10.17
N GLU A 46 11.64 -4.84 -9.99
CA GLU A 46 12.63 -5.64 -10.69
C GLU A 46 11.96 -6.83 -11.36
N TRP A 47 12.17 -6.96 -12.67
CA TRP A 47 11.74 -8.10 -13.45
C TRP A 47 12.75 -9.24 -13.25
N LEU A 48 12.24 -10.41 -12.89
CA LEU A 48 13.09 -11.53 -12.58
C LEU A 48 13.12 -12.54 -13.70
N GLY A 49 11.98 -12.80 -14.34
CA GLY A 49 11.94 -13.83 -15.36
C GLY A 49 10.59 -14.11 -15.96
N VAL A 50 10.60 -15.02 -16.91
CA VAL A 50 9.42 -15.35 -17.67
C VAL A 50 9.50 -16.77 -18.17
N ILE A 51 8.37 -17.47 -18.09
CA ILE A 51 8.18 -18.74 -18.77
C ILE A 51 7.13 -18.53 -19.87
N TRP A 52 7.57 -18.65 -21.12
CA TRP A 52 6.71 -18.49 -22.26
C TRP A 52 5.85 -19.73 -22.44
N SER A 53 4.81 -19.61 -23.27
CA SER A 53 3.77 -20.64 -23.40
C SER A 53 4.30 -22.02 -23.78
N GLY A 54 5.26 -22.04 -24.69
CA GLY A 54 5.93 -23.27 -25.10
C GLY A 54 6.89 -23.90 -24.10
N GLY A 55 7.14 -23.23 -22.97
CA GLY A 55 8.05 -23.73 -21.95
C GLY A 55 9.43 -23.09 -21.96
N THR A 56 9.69 -22.16 -22.86
CA THR A 56 10.97 -21.46 -22.84
C THR A 56 10.98 -20.48 -21.67
N THR A 57 12.12 -20.42 -21.00
CA THR A 57 12.33 -19.54 -19.88
C THR A 57 13.46 -18.57 -20.17
N GLU A 58 13.26 -17.31 -19.78
CA GLU A 58 14.34 -16.32 -19.75
C GLU A 58 14.35 -15.69 -18.36
N TYR A 59 15.55 -15.29 -17.96
CA TYR A 59 15.82 -14.80 -16.62
C TYR A 59 16.64 -13.53 -16.68
N ASN A 60 16.46 -12.71 -15.65
CA ASN A 60 17.31 -11.53 -15.39
C ASN A 60 18.71 -12.05 -14.99
N ALA A 61 19.72 -11.65 -15.76
CA ALA A 61 21.11 -12.11 -15.59
C ALA A 61 21.65 -11.99 -14.16
N ALA A 62 21.25 -10.92 -13.48
CA ALA A 62 21.65 -10.66 -12.08
C ALA A 62 21.17 -11.71 -11.07
N PHE A 63 20.23 -12.55 -11.46
CA PHE A 63 19.67 -13.62 -10.61
C PHE A 63 19.72 -14.99 -11.25
N ILE A 64 20.30 -15.09 -12.45
CA ILE A 64 20.19 -16.31 -13.24
C ILE A 64 20.79 -17.55 -12.54
N SER A 65 21.84 -17.33 -11.74
CA SER A 65 22.49 -18.41 -10.99
C SER A 65 21.69 -18.99 -9.82
N ARG A 66 20.65 -18.30 -9.36
CA ARG A 66 19.87 -18.81 -8.23
C ARG A 66 18.35 -18.93 -8.44
N LEU A 67 17.93 -18.82 -9.68
CA LEU A 67 16.54 -18.68 -9.97
C LEU A 67 16.04 -19.79 -10.92
N SER A 68 14.86 -20.30 -10.63
CA SER A 68 14.24 -21.37 -11.43
C SER A 68 12.71 -21.17 -11.57
N ILE A 69 12.24 -21.16 -12.81
CA ILE A 69 10.82 -21.01 -13.12
C ILE A 69 10.41 -22.23 -13.95
N SER A 70 9.39 -22.93 -13.49
CA SER A 70 8.77 -24.02 -14.22
C SER A 70 7.25 -23.88 -14.12
N LYS A 71 6.50 -24.84 -14.65
CA LYS A 71 5.03 -24.79 -14.65
C LYS A 71 4.38 -26.13 -14.97
N ASP A 72 3.10 -26.27 -14.60
CA ASP A 72 2.24 -27.38 -15.04
C ASP A 72 1.06 -26.82 -15.82
N ASN A 73 1.07 -27.02 -17.13
CA ASN A 73 0.02 -26.54 -18.04
C ASN A 73 -1.37 -27.04 -17.64
N SER A 74 -1.48 -28.33 -17.34
CA SER A 74 -2.79 -28.94 -17.06
C SER A 74 -3.42 -28.45 -15.74
N LYS A 75 -2.58 -28.09 -14.77
CA LYS A 75 -3.03 -27.58 -13.46
C LYS A 75 -3.19 -26.06 -13.44
N SER A 76 -2.71 -25.38 -14.48
CA SER A 76 -2.66 -23.94 -14.57
C SER A 76 -1.80 -23.36 -13.46
N GLN A 77 -0.59 -23.91 -13.32
CA GLN A 77 0.29 -23.50 -12.24
C GLN A 77 1.69 -23.17 -12.71
N VAL A 78 2.22 -22.06 -12.20
CA VAL A 78 3.59 -21.62 -12.50
C VAL A 78 4.31 -21.61 -11.18
N PHE A 79 5.56 -22.05 -11.18
CA PHE A 79 6.30 -22.26 -9.94
C PHE A 79 7.54 -21.38 -9.98
N PHE A 80 7.85 -20.73 -8.87
CA PHE A 80 9.00 -19.85 -8.78
C PHE A 80 9.85 -20.38 -7.65
N LYS A 81 11.12 -20.66 -7.95
CA LYS A 81 12.04 -21.07 -6.90
C LYS A 81 13.26 -20.15 -6.91
N MET A 82 13.61 -19.57 -5.77
CA MET A 82 14.85 -18.81 -5.66
C MET A 82 15.70 -19.41 -4.56
N ASN A 83 16.98 -19.62 -4.85
CA ASN A 83 17.91 -20.26 -3.89
C ASN A 83 18.77 -19.23 -3.20
N SER A 84 19.27 -19.63 -2.04
CA SER A 84 20.34 -18.93 -1.34
C SER A 84 19.94 -17.49 -1.02
N LEU A 85 18.84 -17.36 -0.28
CA LEU A 85 18.25 -16.05 -0.06
C LEU A 85 19.10 -15.29 0.93
N GLN A 86 19.31 -14.01 0.63
CA GLN A 86 19.98 -13.10 1.53
C GLN A 86 19.05 -11.97 1.91
N THR A 87 19.48 -11.22 2.90
CA THR A 87 18.62 -10.30 3.62
C THR A 87 17.88 -9.32 2.68
N ASN A 88 18.57 -8.89 1.62
CA ASN A 88 18.02 -7.91 0.70
C ASN A 88 17.21 -8.53 -0.47
N ASP A 89 16.88 -9.83 -0.36
CA ASP A 89 15.87 -10.50 -1.19
C ASP A 89 14.47 -10.40 -0.57
N THR A 90 14.37 -9.71 0.56
CA THR A 90 13.13 -9.40 1.19
C THR A 90 12.32 -8.47 0.30
N ALA A 91 11.12 -8.87 -0.05
CA ALA A 91 10.38 -8.14 -1.07
C ALA A 91 9.00 -8.71 -1.24
N ILE A 92 8.19 -8.03 -2.04
CA ILE A 92 6.93 -8.60 -2.50
C ILE A 92 7.24 -9.23 -3.85
N TYR A 93 6.96 -10.53 -3.99
CA TYR A 93 7.15 -11.30 -5.23
C TYR A 93 5.79 -11.44 -5.93
N PHE A 94 5.73 -11.04 -7.20
CA PHE A 94 4.50 -11.08 -7.98
C PHE A 94 4.67 -12.01 -9.15
N CYS A 95 3.67 -12.87 -9.41
CA CYS A 95 3.50 -13.42 -10.75
C CYS A 95 2.56 -12.50 -11.53
N VAL A 96 2.85 -12.32 -12.82
CA VAL A 96 2.25 -11.25 -13.61
C VAL A 96 2.11 -11.66 -15.06
N ARG A 97 0.98 -11.34 -15.68
CA ARG A 97 0.96 -11.28 -17.11
C ARG A 97 1.07 -9.81 -17.56
N MET A 98 2.14 -9.52 -18.27
CA MET A 98 2.47 -8.18 -18.70
C MET A 98 3.09 -8.30 -20.08
N ARG A 99 3.54 -7.16 -20.61
CA ARG A 99 4.17 -7.09 -21.92
C ARG A 99 3.24 -7.67 -23.02
N ILE A 100 2.01 -7.18 -23.04
CA ILE A 100 1.00 -7.75 -23.91
C ILE A 100 1.05 -7.13 -25.29
N THR A 101 0.67 -7.92 -26.28
CA THR A 101 0.63 -7.48 -27.68
C THR A 101 -0.83 -7.34 -28.09
N THR A 102 -1.52 -8.48 -28.15
CA THR A 102 -2.84 -8.59 -28.74
C THR A 102 -3.94 -8.85 -27.69
N ASP A 103 -3.71 -9.84 -26.83
CA ASP A 103 -4.64 -10.26 -25.76
C ASP A 103 -4.98 -9.17 -24.73
N TRP A 104 -5.91 -9.48 -23.81
CA TRP A 104 -6.28 -8.59 -22.71
C TRP A 104 -6.13 -9.24 -21.33
N PHE A 105 -5.19 -10.18 -21.20
CA PHE A 105 -4.97 -10.86 -19.93
C PHE A 105 -3.89 -10.16 -19.07
N ALA A 106 -3.84 -8.84 -19.09
CA ALA A 106 -2.85 -8.11 -18.30
C ALA A 106 -3.36 -8.13 -16.88
N TYR A 107 -2.67 -8.83 -16.00
CA TYR A 107 -3.11 -8.92 -14.61
C TYR A 107 -1.90 -9.20 -13.71
N TRP A 108 -1.92 -8.61 -12.52
CA TRP A 108 -0.90 -8.85 -11.46
C TRP A 108 -1.52 -9.65 -10.34
N GLY A 109 -0.75 -10.58 -9.78
CA GLY A 109 -1.14 -11.27 -8.56
C GLY A 109 -1.23 -10.31 -7.37
N GLN A 110 -1.80 -10.81 -6.27
CA GLN A 110 -1.83 -10.08 -5.00
C GLN A 110 -0.43 -9.83 -4.43
N GLY A 111 0.53 -10.70 -4.78
CA GLY A 111 1.90 -10.57 -4.31
C GLY A 111 2.11 -11.41 -3.07
N THR A 112 3.32 -11.87 -2.86
CA THR A 112 3.69 -12.58 -1.63
C THR A 112 4.84 -11.83 -1.01
N LEU A 113 4.61 -11.21 0.14
CA LEU A 113 5.67 -10.53 0.84
C LEU A 113 6.55 -11.57 1.51
N VAL A 114 7.79 -11.66 1.04
CA VAL A 114 8.77 -12.60 1.58
C VAL A 114 9.77 -11.81 2.42
N THR A 115 9.85 -12.20 3.69
CA THR A 115 10.77 -11.64 4.63
C THR A 115 11.88 -12.66 4.93
N VAL A 116 13.12 -12.24 4.68
CA VAL A 116 14.31 -13.06 4.92
C VAL A 116 14.83 -12.76 6.32
N SER A 117 14.52 -13.65 7.25
CA SER A 117 14.81 -13.42 8.67
C SER A 117 14.83 -14.76 9.39
N ALA A 118 15.56 -14.79 10.51
CA ALA A 118 15.59 -15.95 11.42
C ALA A 118 14.58 -15.81 12.56
N ALA A 119 14.00 -14.63 12.73
CA ALA A 119 12.97 -14.35 13.76
C ALA A 119 11.79 -15.26 13.57
N LYS A 120 10.89 -15.28 14.54
CA LYS A 120 9.73 -16.15 14.44
C LYS A 120 8.44 -15.35 14.27
N THR A 121 7.39 -16.07 13.85
CA THR A 121 6.15 -15.46 13.45
C THR A 121 5.39 -15.10 14.69
N THR A 122 4.82 -13.90 14.71
CA THR A 122 3.98 -13.46 15.81
C THR A 122 2.72 -12.83 15.20
N PRO A 123 1.53 -13.31 15.58
CA PRO A 123 0.34 -12.61 15.08
C PRO A 123 0.09 -11.28 15.78
N PRO A 124 -0.72 -10.41 15.13
CA PRO A 124 -1.14 -9.20 15.80
C PRO A 124 -2.21 -9.44 16.86
N SER A 125 -2.28 -8.49 17.78
CA SER A 125 -3.44 -8.30 18.60
C SER A 125 -4.22 -7.14 17.99
N VAL A 126 -5.54 -7.28 17.90
CA VAL A 126 -6.40 -6.30 17.25
C VAL A 126 -7.27 -5.69 18.29
N TYR A 127 -7.07 -4.39 18.53
CA TYR A 127 -7.81 -3.62 19.49
C TYR A 127 -8.70 -2.60 18.79
N PRO A 128 -9.97 -2.51 19.19
CA PRO A 128 -10.82 -1.45 18.64
C PRO A 128 -10.45 -0.04 19.14
N LEU A 129 -10.59 0.96 18.25
CA LEU A 129 -10.52 2.37 18.60
C LEU A 129 -11.95 2.88 18.53
N ALA A 130 -12.64 2.66 19.64
CA ALA A 130 -14.06 2.97 19.79
C ALA A 130 -14.14 4.47 20.04
N PRO A 131 -14.91 5.17 19.21
CA PRO A 131 -14.82 6.62 19.18
C PRO A 131 -15.05 7.33 20.53
N GLY A 132 -16.27 7.23 21.06
CA GLY A 132 -16.75 8.18 22.08
C GLY A 132 -17.08 9.50 21.40
N SER A 133 -17.71 10.42 22.14
CA SER A 133 -18.10 11.70 21.55
C SER A 133 -16.90 12.66 21.30
N ALA A 134 -15.77 12.40 21.95
CA ALA A 134 -14.48 13.05 21.64
C ALA A 134 -13.81 12.55 20.34
N ALA A 135 -14.47 11.66 19.60
CA ALA A 135 -13.99 11.19 18.31
C ALA A 135 -14.86 11.69 17.13
N GLN A 136 -15.69 12.70 17.39
CA GLN A 136 -16.63 13.27 16.41
C GLN A 136 -16.35 14.77 16.21
N THR A 137 -16.37 15.23 14.96
CA THR A 137 -16.32 16.65 14.59
C THR A 137 -17.29 16.92 13.43
N ASN A 138 -18.11 17.95 13.58
CA ASN A 138 -19.25 18.19 12.68
C ASN A 138 -20.19 16.95 12.67
N SER A 139 -20.65 16.53 11.50
CA SER A 139 -21.57 15.38 11.38
C SER A 139 -20.88 14.01 11.34
N MET A 140 -19.56 13.97 11.12
CA MET A 140 -18.82 12.73 10.89
C MET A 140 -18.23 12.18 12.18
N VAL A 141 -18.16 10.85 12.27
CA VAL A 141 -17.51 10.16 13.38
C VAL A 141 -16.36 9.34 12.80
N THR A 142 -15.20 9.40 13.45
CA THR A 142 -14.05 8.61 13.00
C THR A 142 -13.84 7.42 13.93
N LEU A 143 -13.71 6.24 13.31
CA LEU A 143 -13.54 4.95 13.99
C LEU A 143 -12.13 4.43 13.71
N GLY A 144 -11.65 3.47 14.47
CA GLY A 144 -10.35 2.92 14.18
C GLY A 144 -10.14 1.49 14.63
N CYS A 145 -9.09 0.89 14.07
CA CYS A 145 -8.54 -0.39 14.46
C CYS A 145 -7.04 -0.25 14.65
N LEU A 146 -6.56 -0.71 15.80
CA LEU A 146 -5.14 -0.75 16.12
C LEU A 146 -4.70 -2.20 15.98
N VAL A 147 -3.71 -2.43 15.13
CA VAL A 147 -3.19 -3.76 14.88
C VAL A 147 -1.77 -3.77 15.39
N LYS A 148 -1.55 -4.53 16.47
CA LYS A 148 -0.39 -4.35 17.29
C LYS A 148 0.41 -5.62 17.50
N GLY A 149 1.74 -5.49 17.39
CA GLY A 149 2.67 -6.55 17.77
C GLY A 149 2.77 -7.78 16.87
N TYR A 150 2.96 -7.56 15.57
CA TYR A 150 3.01 -8.67 14.61
C TYR A 150 4.31 -8.71 13.84
N PHE A 151 4.63 -9.90 13.33
CA PHE A 151 5.84 -10.10 12.51
C PHE A 151 5.68 -11.42 11.75
N PRO A 152 5.95 -11.48 10.45
CA PRO A 152 6.43 -10.38 9.61
C PRO A 152 5.26 -9.56 9.07
N GLU A 153 5.60 -8.55 8.26
CA GLU A 153 4.65 -7.90 7.37
C GLU A 153 4.09 -8.91 6.34
N PRO A 154 2.89 -8.68 5.77
CA PRO A 154 2.05 -7.52 6.01
C PRO A 154 0.83 -7.92 6.79
N VAL A 155 0.14 -6.94 7.35
CA VAL A 155 -1.29 -7.11 7.61
C VAL A 155 -2.08 -6.28 6.62
N THR A 156 -3.26 -6.76 6.27
CA THR A 156 -4.21 -5.99 5.47
C THR A 156 -5.44 -5.73 6.29
N VAL A 157 -5.95 -4.51 6.21
CA VAL A 157 -7.14 -4.13 6.94
C VAL A 157 -8.12 -3.56 5.95
N THR A 158 -9.33 -4.09 5.93
CA THR A 158 -10.45 -3.52 5.19
C THR A 158 -11.48 -3.14 6.22
N TRP A 159 -12.50 -2.41 5.78
CA TRP A 159 -13.63 -2.04 6.61
C TRP A 159 -14.89 -2.52 5.96
N ASN A 160 -15.68 -3.32 6.68
CA ASN A 160 -16.89 -3.90 6.12
C ASN A 160 -16.60 -4.72 4.84
N SER A 161 -15.57 -5.56 4.95
CA SER A 161 -15.06 -6.41 3.88
C SER A 161 -14.75 -5.72 2.56
N GLY A 162 -14.34 -4.45 2.62
CA GLY A 162 -14.03 -3.68 1.42
C GLY A 162 -15.16 -2.85 0.84
N SER A 163 -16.41 -3.10 1.27
CA SER A 163 -17.55 -2.26 0.83
C SER A 163 -17.49 -0.82 1.33
N LEU A 164 -16.87 -0.62 2.47
CA LEU A 164 -16.63 0.71 2.98
C LEU A 164 -15.20 1.04 2.58
N SER A 165 -15.08 1.80 1.49
CA SER A 165 -13.78 2.16 0.88
C SER A 165 -13.47 3.65 0.91
N SER A 166 -14.49 4.48 0.77
CA SER A 166 -14.35 5.94 0.96
C SER A 166 -14.14 6.28 2.44
N GLY A 167 -13.21 7.22 2.69
CA GLY A 167 -12.85 7.63 4.03
C GLY A 167 -11.95 6.65 4.78
N VAL A 168 -11.47 5.60 4.10
CA VAL A 168 -10.59 4.62 4.72
C VAL A 168 -9.16 5.15 4.69
N HIS A 169 -8.52 5.23 5.84
CA HIS A 169 -7.11 5.59 5.94
C HIS A 169 -6.36 4.44 6.61
N THR A 170 -5.38 3.85 5.93
CA THR A 170 -4.58 2.79 6.51
C THR A 170 -3.17 3.34 6.63
N PHE A 171 -2.70 3.48 7.86
CA PHE A 171 -1.44 4.09 8.13
C PHE A 171 -0.34 3.04 8.00
N PRO A 172 0.80 3.40 7.39
CA PRO A 172 1.84 2.40 7.19
C PRO A 172 2.39 1.82 8.50
N ALA A 173 2.75 0.55 8.46
CA ALA A 173 3.34 -0.15 9.61
C ALA A 173 4.60 0.54 10.09
N VAL A 174 4.80 0.55 11.42
CA VAL A 174 6.06 0.97 12.00
C VAL A 174 6.54 -0.05 13.04
N LEU A 175 7.86 -0.16 13.16
CA LEU A 175 8.51 -1.15 14.00
C LEU A 175 8.74 -0.60 15.41
N GLN A 176 8.09 -1.22 16.39
CA GLN A 176 8.37 -0.97 17.79
C GLN A 176 9.23 -2.12 18.31
N SER A 177 10.52 -1.84 18.53
CA SER A 177 11.52 -2.86 18.85
C SER A 177 11.58 -3.88 17.69
N ASP A 178 11.05 -5.10 17.89
CA ASP A 178 11.08 -6.17 16.89
C ASP A 178 9.70 -6.56 16.34
N LEU A 179 8.65 -5.80 16.68
CA LEU A 179 7.30 -6.09 16.20
C LEU A 179 6.67 -4.87 15.52
N TYR A 180 5.84 -5.13 14.51
CA TYR A 180 5.17 -4.07 13.74
C TYR A 180 3.88 -3.66 14.41
N THR A 181 3.58 -2.36 14.33
CA THR A 181 2.25 -1.86 14.68
C THR A 181 1.73 -1.00 13.54
N LEU A 182 0.43 -1.13 13.31
CA LEU A 182 -0.30 -0.20 12.44
C LEU A 182 -1.74 0.07 12.94
N SER A 183 -2.28 1.18 12.46
CA SER A 183 -3.67 1.56 12.69
C SER A 183 -4.35 1.87 11.36
N SER A 184 -5.67 1.75 11.38
CA SER A 184 -6.48 2.08 10.25
C SER A 184 -7.69 2.84 10.78
N SER A 185 -8.22 3.76 9.97
CA SER A 185 -9.37 4.54 10.38
C SER A 185 -10.38 4.64 9.27
N VAL A 186 -11.63 4.81 9.68
CA VAL A 186 -12.69 5.06 8.74
C VAL A 186 -13.50 6.18 9.34
N THR A 187 -13.91 7.11 8.48
CA THR A 187 -14.79 8.18 8.88
C THR A 187 -16.17 7.97 8.25
N VAL A 188 -17.21 8.03 9.09
CA VAL A 188 -18.58 7.83 8.62
C VAL A 188 -19.49 8.90 9.18
N PRO A 189 -20.70 9.07 8.60
CA PRO A 189 -21.71 9.99 9.18
C PRO A 189 -22.11 9.61 10.63
N SER A 190 -22.47 10.59 11.45
CA SER A 190 -22.95 10.30 12.81
C SER A 190 -24.35 9.64 12.79
N SER A 191 -25.09 9.82 11.69
CA SER A 191 -26.40 9.18 11.46
C SER A 191 -26.32 7.67 11.38
N THR A 192 -25.25 7.16 10.77
CA THR A 192 -25.02 5.71 10.68
C THR A 192 -24.72 5.08 12.04
N TRP A 193 -24.32 5.87 13.02
CA TRP A 193 -23.63 5.33 14.19
C TRP A 193 -24.47 4.70 15.31
N PRO A 194 -25.70 5.19 15.55
CA PRO A 194 -26.63 4.46 16.42
C PRO A 194 -27.09 3.09 15.86
N SER A 195 -27.49 3.07 14.58
CA SER A 195 -28.08 1.87 13.96
C SER A 195 -27.06 0.92 13.34
N GLU A 196 -26.05 1.45 12.62
CA GLU A 196 -25.10 0.61 11.88
C GLU A 196 -24.00 0.05 12.76
N THR A 197 -23.57 -1.15 12.40
CA THR A 197 -22.36 -1.76 12.92
C THR A 197 -21.25 -1.54 11.89
N VAL A 198 -20.07 -1.21 12.37
CA VAL A 198 -18.89 -1.06 11.55
C VAL A 198 -17.84 -2.04 12.04
N THR A 199 -17.28 -2.79 11.10
CA THR A 199 -16.34 -3.86 11.41
C THR A 199 -15.05 -3.66 10.66
N CYS A 200 -13.93 -3.88 11.33
CA CYS A 200 -12.66 -3.95 10.64
C CYS A 200 -12.17 -5.40 10.50
N ASN A 201 -11.65 -5.74 9.33
CA ASN A 201 -11.27 -7.09 8.98
C ASN A 201 -9.76 -7.09 8.84
N VAL A 202 -9.08 -7.74 9.76
CA VAL A 202 -7.62 -7.77 9.79
C VAL A 202 -7.18 -9.14 9.40
N ALA A 203 -6.24 -9.21 8.46
CA ALA A 203 -5.61 -10.48 8.07
C ALA A 203 -4.08 -10.40 8.19
N HIS A 204 -3.48 -11.39 8.83
CA HIS A 204 -2.01 -11.56 8.88
C HIS A 204 -1.70 -12.91 8.20
N PRO A 205 -1.44 -12.89 6.88
CA PRO A 205 -1.31 -14.18 6.19
C PRO A 205 -0.14 -15.05 6.67
N ALA A 206 0.94 -14.44 7.16
CA ALA A 206 2.08 -15.23 7.68
C ALA A 206 1.66 -16.19 8.78
N SER A 207 0.62 -15.83 9.55
CA SER A 207 0.10 -16.66 10.62
C SER A 207 -1.33 -17.18 10.41
N SER A 208 -1.88 -17.13 9.19
CA SER A 208 -3.28 -17.52 8.96
C SER A 208 -4.30 -16.88 9.93
N THR A 209 -4.07 -15.62 10.30
CA THR A 209 -4.95 -14.91 11.22
C THR A 209 -5.92 -14.06 10.39
N LYS A 210 -7.22 -14.23 10.65
CA LYS A 210 -8.28 -13.47 10.00
C LYS A 210 -9.26 -13.06 11.09
N VAL A 211 -9.20 -11.79 11.49
CA VAL A 211 -10.00 -11.27 12.62
C VAL A 211 -10.96 -10.17 12.17
N ASP A 212 -12.20 -10.31 12.59
CA ASP A 212 -13.24 -9.30 12.39
C ASP A 212 -13.51 -8.68 13.75
N LYS A 213 -13.27 -7.38 13.87
CA LYS A 213 -13.42 -6.68 15.13
C LYS A 213 -14.53 -5.64 14.98
N LYS A 214 -15.56 -5.78 15.80
CA LYS A 214 -16.70 -4.88 15.76
C LYS A 214 -16.36 -3.58 16.51
N ILE A 215 -16.50 -2.43 15.84
CA ILE A 215 -16.25 -1.14 16.50
C ILE A 215 -17.61 -0.56 16.83
N VAL A 216 -17.76 -0.08 18.06
CA VAL A 216 -19.04 0.41 18.56
C VAL A 216 -18.83 1.61 19.49
N PRO A 217 -19.87 2.48 19.67
CA PRO A 217 -19.79 3.68 20.52
C PRO A 217 -19.36 3.46 21.97
N ARG A 218 -18.79 4.51 22.55
CA ARG A 218 -18.22 4.51 23.90
C ARG A 218 -19.04 5.40 24.84
N ASP B 1 22.16 -3.32 -19.56
CA ASP B 1 20.67 -3.48 -19.63
C ASP B 1 20.06 -2.13 -19.91
N VAL B 2 18.86 -2.10 -20.46
CA VAL B 2 18.20 -0.81 -20.74
C VAL B 2 17.79 -0.19 -19.42
N LEU B 3 18.20 1.06 -19.25
CA LEU B 3 17.79 1.83 -18.08
C LEU B 3 16.63 2.70 -18.48
N MET B 4 15.58 2.67 -17.67
CA MET B 4 14.45 3.58 -17.82
C MET B 4 14.54 4.66 -16.73
N THR B 5 14.57 5.92 -17.15
CA THR B 5 14.69 7.04 -16.23
C THR B 5 13.39 7.85 -16.28
N GLN B 6 12.70 7.90 -15.15
CA GLN B 6 11.43 8.61 -15.05
C GLN B 6 11.68 9.92 -14.39
N THR B 7 11.01 10.96 -14.88
CA THR B 7 11.16 12.30 -14.34
C THR B 7 9.79 13.00 -14.39
N PRO B 8 9.43 13.78 -13.36
CA PRO B 8 10.16 13.94 -12.10
C PRO B 8 9.87 12.78 -11.13
N LEU B 9 10.54 12.76 -9.97
CA LEU B 9 10.25 11.73 -8.96
C LEU B 9 8.86 11.96 -8.41
N SER B 10 8.57 13.22 -8.15
CA SER B 10 7.31 13.66 -7.58
C SER B 10 6.72 14.70 -8.51
N LEU B 11 5.43 14.59 -8.82
CA LEU B 11 4.80 15.51 -9.76
C LEU B 11 3.59 16.25 -9.16
N PRO B 12 3.80 17.52 -8.76
CA PRO B 12 2.73 18.43 -8.37
C PRO B 12 1.76 18.73 -9.50
N VAL B 13 0.46 18.51 -9.30
CA VAL B 13 -0.56 18.95 -10.27
C VAL B 13 -1.80 19.47 -9.56
N SER B 14 -2.44 20.49 -10.12
CA SER B 14 -3.68 21.03 -9.57
C SER B 14 -4.85 20.12 -9.89
N LEU B 15 -5.78 20.01 -8.95
CA LEU B 15 -7.03 19.27 -9.15
C LEU B 15 -7.71 19.81 -10.39
N GLY B 16 -8.00 18.95 -11.37
CA GLY B 16 -8.54 19.35 -12.67
C GLY B 16 -7.51 19.64 -13.77
N ASP B 17 -6.23 19.76 -13.41
CA ASP B 17 -5.15 20.13 -14.35
C ASP B 17 -4.64 18.89 -15.08
N GLN B 18 -3.82 19.10 -16.12
CA GLN B 18 -3.20 18.00 -16.86
C GLN B 18 -1.86 17.63 -16.22
N ALA B 19 -1.65 16.33 -16.04
CA ALA B 19 -0.34 15.80 -15.61
C ALA B 19 0.40 15.21 -16.81
N SER B 20 1.72 15.36 -16.81
CA SER B 20 2.57 14.81 -17.86
C SER B 20 3.77 14.15 -17.22
N ILE B 21 3.94 12.87 -17.49
CA ILE B 21 4.98 12.08 -16.84
C ILE B 21 5.87 11.60 -17.94
N SER B 22 7.17 11.73 -17.70
CA SER B 22 8.18 11.43 -18.69
C SER B 22 8.95 10.15 -18.32
N CYS B 23 9.27 9.37 -19.32
CA CYS B 23 10.06 8.18 -19.12
C CYS B 23 11.00 8.14 -20.30
N ARG B 24 12.27 7.85 -20.02
CA ARG B 24 13.31 7.88 -21.04
C ARG B 24 14.08 6.57 -21.03
N SER B 25 14.04 5.84 -22.14
CA SER B 25 14.87 4.65 -22.28
C SER B 25 16.27 5.05 -22.77
N SER B 26 17.30 4.42 -22.19
CA SER B 26 18.70 4.73 -22.49
C SER B 26 19.07 4.40 -23.96
N GLN B 27 18.37 3.42 -24.54
CA GLN B 27 18.49 3.07 -25.96
C GLN B 27 17.13 2.57 -26.46
N THR B 28 17.03 2.29 -27.75
CA THR B 28 15.74 2.02 -28.38
C THR B 28 15.19 0.68 -27.94
N ILE B 29 13.86 0.63 -27.87
CA ILE B 29 13.15 -0.49 -27.27
C ILE B 29 12.09 -1.04 -28.22
N VAL B 30 12.54 -1.36 -29.42
CA VAL B 30 11.72 -2.10 -30.39
C VAL B 30 12.11 -3.57 -30.26
N HIS B 31 11.12 -4.40 -29.95
CA HIS B 31 11.32 -5.86 -29.89
C HIS B 31 11.66 -6.38 -31.29
N LYS B 32 12.33 -7.54 -31.35
CA LYS B 32 12.58 -8.27 -32.61
C LYS B 32 11.34 -8.28 -33.52
N ASN B 33 10.19 -8.68 -32.98
CA ASN B 33 8.92 -8.71 -33.73
C ASN B 33 8.37 -7.36 -34.22
N GLY B 34 9.01 -6.23 -33.89
CA GLY B 34 8.62 -4.91 -34.40
C GLY B 34 7.83 -4.04 -33.43
N ASN B 35 7.17 -4.67 -32.46
CA ASN B 35 6.44 -3.98 -31.40
C ASN B 35 7.38 -3.26 -30.41
N THR B 36 6.92 -2.10 -29.93
CA THR B 36 7.58 -1.33 -28.84
C THR B 36 6.81 -1.58 -27.55
N TYR B 37 7.32 -2.49 -26.71
CA TYR B 37 6.68 -2.85 -25.45
C TYR B 37 6.98 -1.87 -24.32
N LEU B 38 6.40 -0.68 -24.45
CA LEU B 38 6.40 0.33 -23.42
C LEU B 38 5.02 0.34 -22.77
N GLU B 39 4.99 0.08 -21.46
CA GLU B 39 3.78 -0.03 -20.68
C GLU B 39 3.83 0.93 -19.52
N TRP B 40 2.66 1.49 -19.18
CA TRP B 40 2.52 2.37 -18.05
C TRP B 40 1.60 1.71 -17.03
N TYR B 41 2.06 1.74 -15.78
CA TYR B 41 1.37 1.15 -14.65
C TYR B 41 1.06 2.22 -13.61
N LEU B 42 -0.03 2.01 -12.89
CA LEU B 42 -0.38 2.78 -11.70
C LEU B 42 -0.50 1.84 -10.51
N GLN B 43 0.11 2.23 -9.40
CA GLN B 43 0.06 1.48 -8.15
C GLN B 43 -0.45 2.41 -7.04
N LYS B 44 -1.62 2.10 -6.51
CA LYS B 44 -2.11 2.71 -5.29
C LYS B 44 -1.50 2.03 -4.09
N PRO B 45 -1.35 2.77 -2.97
CA PRO B 45 -0.71 2.17 -1.80
C PRO B 45 -1.52 0.97 -1.26
N GLY B 46 -0.77 -0.07 -0.86
CA GLY B 46 -1.35 -1.33 -0.43
C GLY B 46 -1.82 -2.29 -1.52
N GLN B 47 -1.96 -1.79 -2.75
CA GLN B 47 -2.46 -2.57 -3.87
C GLN B 47 -1.31 -2.93 -4.80
N SER B 48 -1.60 -3.87 -5.70
CA SER B 48 -0.74 -4.29 -6.79
C SER B 48 -0.82 -3.28 -7.94
N PRO B 49 0.23 -3.19 -8.77
CA PRO B 49 0.11 -2.33 -9.96
C PRO B 49 -0.98 -2.82 -10.95
N LYS B 50 -1.51 -1.89 -11.74
CA LYS B 50 -2.49 -2.19 -12.78
C LYS B 50 -2.13 -1.49 -14.07
N LEU B 51 -2.32 -2.17 -15.19
CA LEU B 51 -1.94 -1.67 -16.47
C LEU B 51 -2.85 -0.50 -16.92
N LEU B 52 -2.24 0.59 -17.34
CA LEU B 52 -2.99 1.69 -17.94
C LEU B 52 -2.86 1.69 -19.46
N ILE B 53 -1.62 1.70 -19.92
CA ILE B 53 -1.27 1.87 -21.32
C ILE B 53 -0.27 0.80 -21.67
N TYR B 54 -0.42 0.22 -22.86
CA TYR B 54 0.48 -0.79 -23.40
C TYR B 54 0.83 -0.48 -24.86
N LYS B 55 1.96 -1.02 -25.31
CA LYS B 55 2.51 -0.73 -26.63
C LYS B 55 2.50 0.78 -26.88
N VAL B 56 3.11 1.51 -25.95
CA VAL B 56 3.31 2.95 -26.02
C VAL B 56 2.04 3.77 -25.83
N SER B 57 0.97 3.48 -26.59
CA SER B 57 -0.18 4.38 -26.65
C SER B 57 -1.57 3.72 -26.69
N ASN B 58 -1.68 2.45 -26.31
CA ASN B 58 -2.97 1.77 -26.35
C ASN B 58 -3.50 1.63 -24.94
N ARG B 59 -4.75 2.04 -24.76
CA ARG B 59 -5.41 2.00 -23.46
C ARG B 59 -5.87 0.60 -23.15
N PHE B 60 -5.70 0.19 -21.89
CA PHE B 60 -6.19 -1.10 -21.43
C PHE B 60 -7.69 -1.00 -21.17
N SER B 61 -8.38 -2.15 -21.14
CA SER B 61 -9.83 -2.19 -20.90
C SER B 61 -10.18 -1.63 -19.54
N GLY B 62 -11.20 -0.76 -19.50
CA GLY B 62 -11.64 -0.13 -18.26
C GLY B 62 -10.95 1.18 -17.93
N VAL B 63 -9.94 1.57 -18.72
CA VAL B 63 -9.13 2.76 -18.44
C VAL B 63 -9.80 3.98 -19.10
N PRO B 64 -10.10 5.03 -18.33
CA PRO B 64 -10.77 6.18 -18.95
C PRO B 64 -9.94 6.88 -20.02
N ASP B 65 -10.62 7.66 -20.87
CA ASP B 65 -10.03 8.43 -22.00
C ASP B 65 -9.02 9.47 -21.54
N ARG B 66 -9.20 9.95 -20.31
CA ARG B 66 -8.30 10.88 -19.62
C ARG B 66 -6.81 10.47 -19.65
N PHE B 67 -6.52 9.16 -19.76
CA PHE B 67 -5.14 8.65 -19.83
C PHE B 67 -4.73 8.44 -21.27
N SER B 68 -3.54 8.91 -21.62
CA SER B 68 -2.98 8.64 -22.91
C SER B 68 -1.45 8.59 -22.85
N GLY B 69 -0.91 7.78 -23.73
CA GLY B 69 0.52 7.57 -23.88
C GLY B 69 0.93 8.06 -25.25
N SER B 70 2.17 8.50 -25.36
CA SER B 70 2.75 8.85 -26.64
C SER B 70 4.25 8.72 -26.52
N GLY B 71 4.95 9.05 -27.59
CA GLY B 71 6.40 9.09 -27.58
C GLY B 71 7.00 8.16 -28.58
N SER B 72 8.33 8.11 -28.58
CA SER B 72 9.07 7.65 -29.75
C SER B 72 10.47 7.14 -29.43
N GLY B 73 10.62 5.82 -29.43
CA GLY B 73 11.92 5.18 -29.47
C GLY B 73 12.67 5.18 -28.15
N THR B 74 13.00 6.38 -27.67
CA THR B 74 13.58 6.56 -26.34
C THR B 74 12.82 7.50 -25.40
N ASP B 75 11.89 8.31 -25.92
CA ASP B 75 11.28 9.37 -25.12
C ASP B 75 9.76 9.18 -25.10
N PHE B 76 9.23 8.82 -23.93
CA PHE B 76 7.80 8.47 -23.78
C PHE B 76 7.12 9.29 -22.71
N THR B 77 5.82 9.55 -22.93
CA THR B 77 5.06 10.42 -22.05
C THR B 77 3.69 9.83 -21.70
N LEU B 78 3.32 9.90 -20.43
CA LEU B 78 1.94 9.60 -20.04
C LEU B 78 1.29 10.93 -19.73
N LYS B 79 0.10 11.15 -20.30
CA LYS B 79 -0.68 12.33 -20.03
C LYS B 79 -1.99 11.96 -19.38
N ILE B 80 -2.28 12.61 -18.25
CA ILE B 80 -3.56 12.47 -17.58
C ILE B 80 -4.30 13.81 -17.70
N SER B 81 -5.43 13.79 -18.43
CA SER B 81 -6.34 14.93 -18.46
C SER B 81 -7.27 14.92 -17.23
N ARG B 82 -7.63 16.11 -16.77
CA ARG B 82 -8.60 16.30 -15.68
C ARG B 82 -8.27 15.43 -14.46
N VAL B 83 -7.05 15.61 -13.97
CA VAL B 83 -6.55 14.86 -12.84
C VAL B 83 -7.53 14.96 -11.67
N GLU B 84 -7.72 13.81 -11.04
CA GLU B 84 -8.80 13.56 -10.11
C GLU B 84 -8.17 12.85 -8.91
N ALA B 85 -8.84 12.87 -7.76
CA ALA B 85 -8.37 12.14 -6.57
C ALA B 85 -8.09 10.64 -6.83
N ALA B 86 -8.91 10.01 -7.67
CA ALA B 86 -8.74 8.60 -8.02
C ALA B 86 -7.44 8.30 -8.76
N ASP B 87 -6.82 9.28 -9.39
CA ASP B 87 -5.57 9.10 -10.11
C ASP B 87 -4.34 9.09 -9.22
N LEU B 88 -4.53 9.26 -7.92
CA LEU B 88 -3.40 9.27 -6.98
C LEU B 88 -2.70 7.93 -6.82
N GLY B 89 -1.38 8.00 -6.70
CA GLY B 89 -0.50 6.85 -6.51
C GLY B 89 0.82 7.04 -7.23
N VAL B 90 1.51 5.93 -7.48
CA VAL B 90 2.83 5.94 -8.11
C VAL B 90 2.70 5.36 -9.50
N TYR B 91 3.25 6.09 -10.49
CA TYR B 91 3.20 5.70 -11.89
C TYR B 91 4.54 5.15 -12.29
N TYR B 92 4.53 4.00 -12.98
CA TYR B 92 5.75 3.37 -13.48
C TYR B 92 5.66 3.05 -14.97
N CYS B 93 6.71 3.36 -15.71
CA CYS B 93 6.91 2.82 -17.05
C CYS B 93 7.74 1.53 -16.95
N PHE B 94 7.64 0.73 -18.01
CA PHE B 94 8.19 -0.60 -18.10
C PHE B 94 8.54 -0.85 -19.57
N GLN B 95 9.72 -1.42 -19.84
CA GLN B 95 10.10 -1.82 -21.19
C GLN B 95 10.27 -3.33 -21.22
N GLY B 96 9.60 -3.96 -22.17
CA GLY B 96 9.69 -5.40 -22.35
C GLY B 96 10.21 -5.78 -23.73
N SER B 97 11.08 -4.95 -24.30
CA SER B 97 11.58 -5.19 -25.64
C SER B 97 12.91 -5.95 -25.64
N HIS B 98 13.79 -5.63 -24.69
CA HIS B 98 15.10 -6.27 -24.57
C HIS B 98 15.28 -6.83 -23.15
N VAL B 99 15.62 -8.11 -23.06
CA VAL B 99 15.90 -8.80 -21.79
C VAL B 99 17.25 -8.30 -21.25
N PRO B 100 17.40 -8.06 -19.93
CA PRO B 100 16.34 -8.14 -18.93
C PRO B 100 15.38 -6.95 -18.99
N TYR B 101 14.08 -7.24 -18.90
CA TYR B 101 13.06 -6.20 -18.91
C TYR B 101 13.24 -5.35 -17.66
N THR B 102 12.87 -4.08 -17.75
CA THR B 102 13.17 -3.13 -16.68
C THR B 102 12.08 -2.11 -16.49
N PHE B 103 12.08 -1.54 -15.29
CA PHE B 103 11.08 -0.59 -14.86
C PHE B 103 11.80 0.72 -14.62
N GLY B 104 11.06 1.82 -14.80
CA GLY B 104 11.47 3.11 -14.25
C GLY B 104 11.33 3.15 -12.75
N GLY B 105 11.80 4.26 -12.19
CA GLY B 105 11.93 4.44 -10.74
C GLY B 105 10.64 4.82 -10.04
N GLY B 106 9.69 5.37 -10.79
CA GLY B 106 8.37 5.72 -10.31
C GLY B 106 8.19 7.22 -10.24
N THR B 107 6.94 7.66 -10.44
CA THR B 107 6.58 9.06 -10.34
C THR B 107 5.34 9.12 -9.46
N LYS B 108 5.46 9.74 -8.29
CA LYS B 108 4.34 9.91 -7.38
C LYS B 108 3.54 11.17 -7.78
N LEU B 109 2.24 11.01 -7.93
CA LEU B 109 1.37 12.13 -8.24
C LEU B 109 1.04 12.86 -6.94
N GLU B 110 1.32 14.16 -6.89
CA GLU B 110 0.91 14.99 -5.76
C GLU B 110 -0.13 15.97 -6.26
N ILE B 111 -1.35 15.86 -5.74
CA ILE B 111 -2.41 16.79 -6.11
C ILE B 111 -2.33 18.08 -5.27
N LYS B 112 -2.50 19.20 -5.96
CA LYS B 112 -2.56 20.53 -5.35
C LYS B 112 -4.02 20.94 -5.22
N ARG B 113 -4.44 21.25 -4.00
CA ARG B 113 -5.84 21.57 -3.70
C ARG B 113 -5.93 22.64 -2.62
N ALA B 114 -7.15 23.06 -2.33
CA ALA B 114 -7.40 24.09 -1.34
C ALA B 114 -6.98 23.62 0.06
N ASP B 115 -6.80 24.58 0.95
CA ASP B 115 -6.50 24.28 2.35
C ASP B 115 -7.68 23.57 3.00
N ALA B 116 -7.39 22.66 3.93
CA ALA B 116 -8.41 22.05 4.80
C ALA B 116 -7.87 21.89 6.20
N ALA B 117 -8.68 22.30 7.18
CA ALA B 117 -8.36 22.18 8.59
C ALA B 117 -8.59 20.73 9.01
N PRO B 118 -7.75 20.21 9.93
CA PRO B 118 -7.89 18.81 10.34
C PRO B 118 -9.09 18.58 11.25
N THR B 119 -9.73 17.43 11.10
CA THR B 119 -10.58 16.86 12.15
C THR B 119 -9.64 16.22 13.18
N VAL B 120 -10.00 16.28 14.46
CA VAL B 120 -9.22 15.61 15.49
C VAL B 120 -10.13 14.65 16.25
N SER B 121 -9.65 13.41 16.41
CA SER B 121 -10.34 12.38 17.19
C SER B 121 -9.35 11.74 18.14
N ILE B 122 -9.79 11.43 19.35
CA ILE B 122 -8.93 10.84 20.37
C ILE B 122 -9.60 9.60 20.91
N PHE B 123 -8.77 8.61 21.23
CA PHE B 123 -9.24 7.25 21.56
C PHE B 123 -8.46 6.75 22.76
N PRO B 124 -9.13 6.60 23.92
CA PRO B 124 -8.55 5.89 25.04
C PRO B 124 -8.15 4.48 24.65
N PRO B 125 -7.21 3.87 25.38
CA PRO B 125 -6.94 2.46 25.14
C PRO B 125 -8.16 1.59 25.44
N SER B 126 -8.29 0.50 24.70
CA SER B 126 -9.38 -0.43 24.89
C SER B 126 -9.07 -1.31 26.10
N SER B 127 -10.13 -1.78 26.76
CA SER B 127 -10.00 -2.77 27.84
C SER B 127 -9.24 -4.04 27.45
N GLU B 128 -9.39 -4.47 26.20
CA GLU B 128 -8.69 -5.65 25.70
C GLU B 128 -7.19 -5.43 25.69
N GLN B 129 -6.78 -4.19 25.42
CA GLN B 129 -5.37 -3.86 25.45
C GLN B 129 -4.87 -3.77 26.88
N LEU B 130 -5.61 -3.04 27.71
CA LEU B 130 -5.33 -2.92 29.15
C LEU B 130 -5.21 -4.30 29.80
N THR B 131 -6.13 -5.22 29.49
CA THR B 131 -6.05 -6.60 29.97
C THR B 131 -4.65 -7.22 29.79
N SER B 132 -3.99 -6.93 28.67
CA SER B 132 -2.64 -7.43 28.39
C SER B 132 -1.49 -6.53 28.89
N GLY B 133 -1.80 -5.47 29.60
CA GLY B 133 -0.78 -4.65 30.27
C GLY B 133 -0.17 -3.50 29.47
N GLY B 134 -0.67 -3.29 28.26
CA GLY B 134 -0.34 -2.11 27.44
C GLY B 134 -1.45 -1.07 27.43
N ALA B 135 -1.13 0.12 26.91
CA ALA B 135 -2.06 1.25 26.83
C ALA B 135 -1.65 2.27 25.76
N SER B 136 -2.13 2.06 24.54
CA SER B 136 -1.91 2.98 23.44
C SER B 136 -3.05 4.00 23.44
N VAL B 137 -2.68 5.27 23.52
CA VAL B 137 -3.63 6.36 23.41
C VAL B 137 -3.44 6.91 22.01
N VAL B 138 -4.50 6.92 21.21
CA VAL B 138 -4.38 7.25 19.79
C VAL B 138 -5.20 8.48 19.47
N CYS B 139 -4.64 9.34 18.65
CA CYS B 139 -5.32 10.51 18.18
C CYS B 139 -5.16 10.53 16.66
N PHE B 140 -6.27 10.66 15.94
CA PHE B 140 -6.20 10.82 14.49
C PHE B 140 -6.42 12.29 14.13
N LEU B 141 -5.59 12.78 13.22
CA LEU B 141 -5.81 14.07 12.59
C LEU B 141 -6.17 13.78 11.14
N ASN B 142 -7.42 14.04 10.79
CA ASN B 142 -7.98 13.58 9.51
C ASN B 142 -8.27 14.72 8.54
N ASN B 143 -8.02 14.46 7.27
CA ASN B 143 -8.57 15.24 6.16
C ASN B 143 -8.15 16.69 6.16
N PHE B 144 -6.84 16.88 6.21
CA PHE B 144 -6.23 18.21 6.15
C PHE B 144 -5.36 18.42 4.91
N TYR B 145 -5.10 19.71 4.61
CA TYR B 145 -4.20 20.15 3.56
C TYR B 145 -3.75 21.60 3.84
N PRO B 146 -2.47 21.93 3.67
CA PRO B 146 -1.38 21.06 3.22
C PRO B 146 -0.85 20.11 4.29
N LYS B 147 0.13 19.29 3.90
CA LYS B 147 0.68 18.19 4.71
C LYS B 147 1.31 18.60 6.05
N ASP B 148 1.84 19.81 6.14
CA ASP B 148 2.55 20.27 7.34
C ASP B 148 1.58 20.50 8.52
N ILE B 149 1.87 19.88 9.66
CA ILE B 149 1.01 19.96 10.86
C ILE B 149 1.81 19.67 12.14
N ASN B 150 1.37 20.26 13.24
CA ASN B 150 1.94 20.01 14.58
C ASN B 150 0.89 19.36 15.49
N VAL B 151 1.33 18.41 16.31
CA VAL B 151 0.48 17.76 17.29
C VAL B 151 1.09 17.88 18.68
N LYS B 152 0.29 18.35 19.64
CA LYS B 152 0.71 18.45 21.02
C LYS B 152 -0.17 17.56 21.91
N TRP B 153 0.48 16.78 22.78
CA TRP B 153 -0.20 15.95 23.75
C TRP B 153 -0.13 16.61 25.11
N LYS B 154 -1.23 16.57 25.86
CA LYS B 154 -1.23 17.00 27.26
C LYS B 154 -1.83 15.93 28.18
N ILE B 155 -1.18 15.75 29.33
CA ILE B 155 -1.57 14.76 30.33
C ILE B 155 -1.72 15.46 31.70
N ASP B 156 -2.97 15.61 32.14
CA ASP B 156 -3.33 16.41 33.32
C ASP B 156 -2.76 17.85 33.28
N GLY B 157 -2.94 18.53 32.14
CA GLY B 157 -2.43 19.88 31.93
C GLY B 157 -0.94 20.05 31.64
N SER B 158 -0.14 18.97 31.75
CA SER B 158 1.29 18.99 31.47
C SER B 158 1.53 18.39 30.09
N GLU B 159 2.31 19.09 29.25
CA GLU B 159 2.53 18.62 27.88
C GLU B 159 3.54 17.46 27.80
N ARG B 160 3.26 16.53 26.89
CA ARG B 160 4.11 15.37 26.62
C ARG B 160 4.82 15.56 25.28
N GLN B 161 6.01 16.14 25.33
CA GLN B 161 6.83 16.34 24.12
C GLN B 161 7.26 15.03 23.45
N ASN B 162 7.56 14.03 24.26
CA ASN B 162 8.42 12.91 23.86
C ASN B 162 7.68 11.58 23.86
N GLY B 163 8.11 10.69 22.97
CA GLY B 163 7.56 9.34 22.90
C GLY B 163 6.22 9.28 22.22
N VAL B 164 6.10 10.03 21.12
CA VAL B 164 4.89 10.11 20.33
C VAL B 164 5.20 9.49 18.97
N LEU B 165 4.60 8.32 18.68
CA LEU B 165 4.75 7.67 17.37
C LEU B 165 3.76 8.20 16.32
N ASN B 166 4.30 8.88 15.32
CA ASN B 166 3.55 9.53 14.26
C ASN B 166 3.72 8.82 12.93
N SER B 167 2.59 8.58 12.25
CA SER B 167 2.55 7.95 10.93
C SER B 167 1.54 8.68 10.03
N TRP B 168 1.84 8.73 8.75
CA TRP B 168 1.14 9.56 7.77
C TRP B 168 0.69 8.68 6.61
N THR B 169 -0.52 8.91 6.09
CA THR B 169 -0.94 8.27 4.84
C THR B 169 -0.44 9.11 3.68
N ASP B 170 -0.59 8.57 2.49
CA ASP B 170 -0.47 9.34 1.26
C ASP B 170 -1.81 10.04 1.01
N GLN B 171 -1.84 10.92 0.02
CA GLN B 171 -3.05 11.68 -0.27
C GLN B 171 -4.27 10.81 -0.48
N ASP B 172 -5.40 11.29 0.00
CA ASP B 172 -6.61 10.51 0.01
C ASP B 172 -7.18 10.39 -1.38
N SER B 173 -7.57 9.16 -1.74
CA SER B 173 -8.15 8.87 -3.06
C SER B 173 -9.54 9.47 -3.32
N LYS B 174 -10.19 10.05 -2.30
CA LYS B 174 -11.47 10.70 -2.48
C LYS B 174 -11.35 12.23 -2.54
N ASP B 175 -10.65 12.84 -1.60
CA ASP B 175 -10.54 14.32 -1.54
C ASP B 175 -9.11 14.91 -1.54
N SER B 176 -8.11 14.10 -1.85
CA SER B 176 -6.71 14.57 -2.03
C SER B 176 -6.10 15.24 -0.81
N THR B 177 -6.55 14.77 0.34
CA THR B 177 -6.19 15.29 1.64
C THR B 177 -5.26 14.32 2.36
N TYR B 178 -4.65 14.75 3.46
CA TYR B 178 -3.74 13.90 4.23
C TYR B 178 -4.36 13.56 5.54
N SER B 179 -3.86 12.48 6.14
CA SER B 179 -4.22 12.10 7.46
C SER B 179 -3.00 11.66 8.23
N MET B 180 -3.08 11.83 9.55
CA MET B 180 -2.01 11.46 10.45
C MET B 180 -2.58 10.77 11.69
N SER B 181 -1.86 9.76 12.16
CA SER B 181 -2.15 9.08 13.43
C SER B 181 -0.99 9.34 14.34
N SER B 182 -1.29 9.68 15.59
CA SER B 182 -0.30 9.98 16.60
C SER B 182 -0.60 9.13 17.84
N THR B 183 0.38 8.34 18.27
CA THR B 183 0.18 7.39 19.36
C THR B 183 1.11 7.61 20.53
N LEU B 184 0.52 7.67 21.73
CA LEU B 184 1.24 7.52 23.00
C LEU B 184 1.18 6.08 23.50
N THR B 185 2.32 5.41 23.45
CA THR B 185 2.46 4.04 23.93
C THR B 185 2.81 4.08 25.41
N LEU B 186 1.89 3.62 26.24
CA LEU B 186 2.09 3.57 27.69
C LEU B 186 1.90 2.13 28.18
N THR B 187 2.23 1.85 29.44
CA THR B 187 1.76 0.61 30.08
C THR B 187 0.38 0.88 30.69
N LYS B 188 -0.35 -0.19 31.03
CA LYS B 188 -1.63 -0.06 31.70
C LYS B 188 -1.41 0.66 33.02
N ASP B 189 -0.32 0.31 33.70
CA ASP B 189 0.02 0.92 34.98
C ASP B 189 0.38 2.42 34.82
N GLU B 190 1.16 2.77 33.79
CA GLU B 190 1.49 4.19 33.53
C GLU B 190 0.27 5.01 33.07
N TYR B 191 -0.65 4.39 32.33
CA TYR B 191 -1.86 5.07 31.83
C TYR B 191 -2.80 5.48 32.94
N GLU B 192 -2.95 4.59 33.92
CA GLU B 192 -3.86 4.82 35.05
C GLU B 192 -3.30 5.81 36.10
N ARG B 193 -2.02 6.13 36.00
CA ARG B 193 -1.41 7.22 36.78
C ARG B 193 -2.08 8.58 36.61
N HIS B 194 -2.66 8.84 35.43
CA HIS B 194 -3.22 10.13 35.08
C HIS B 194 -4.73 10.05 34.85
N ASN B 195 -5.38 11.19 34.66
CA ASN B 195 -6.85 11.24 34.49
C ASN B 195 -7.24 11.89 33.16
N SER B 196 -6.76 13.12 32.95
CA SER B 196 -7.02 13.87 31.74
C SER B 196 -5.94 13.65 30.66
N TYR B 197 -6.41 13.38 29.43
CA TYR B 197 -5.56 13.21 28.24
C TYR B 197 -6.09 14.09 27.12
N THR B 198 -5.20 14.81 26.46
CA THR B 198 -5.60 15.78 25.44
C THR B 198 -4.65 15.73 24.26
N CYS B 199 -5.21 15.89 23.08
CA CYS B 199 -4.50 15.90 21.83
C CYS B 199 -4.89 17.23 21.18
N GLU B 200 -3.87 17.99 20.77
CA GLU B 200 -4.06 19.33 20.20
C GLU B 200 -3.35 19.43 18.85
N ALA B 201 -4.10 19.88 17.84
CA ALA B 201 -3.61 19.94 16.46
C ALA B 201 -3.40 21.39 16.08
N THR B 202 -2.15 21.74 15.78
CA THR B 202 -1.80 23.06 15.24
C THR B 202 -1.47 22.97 13.75
N HIS B 203 -2.27 23.68 12.96
CA HIS B 203 -2.21 23.63 11.51
C HIS B 203 -2.41 25.04 10.93
N LYS B 204 -1.62 25.39 9.91
CA LYS B 204 -1.58 26.78 9.39
C LYS B 204 -2.94 27.44 9.15
N THR B 205 -3.96 26.66 8.75
CA THR B 205 -5.34 27.14 8.63
C THR B 205 -5.77 28.04 9.80
N SER B 206 -5.61 27.51 11.02
CA SER B 206 -6.07 28.16 12.26
C SER B 206 -4.91 28.56 13.17
N THR B 207 -5.02 29.72 13.81
CA THR B 207 -4.08 30.11 14.88
C THR B 207 -4.50 29.46 16.20
N SER B 208 -5.80 29.19 16.36
CA SER B 208 -6.33 28.39 17.47
C SER B 208 -6.12 26.90 17.18
N PRO B 209 -5.46 26.16 18.11
CA PRO B 209 -5.35 24.70 17.89
C PRO B 209 -6.69 23.99 18.05
N ILE B 210 -6.89 22.90 17.30
CA ILE B 210 -8.08 22.08 17.44
C ILE B 210 -7.80 20.97 18.44
N VAL B 211 -8.75 20.79 19.38
CA VAL B 211 -8.52 20.07 20.62
C VAL B 211 -9.56 18.98 20.83
N LYS B 212 -9.10 17.82 21.27
CA LYS B 212 -9.98 16.83 21.86
C LYS B 212 -9.30 16.25 23.09
N SER B 213 -10.13 15.83 24.04
CA SER B 213 -9.64 15.21 25.25
C SER B 213 -10.65 14.26 25.81
N PHE B 214 -10.17 13.39 26.71
CA PHE B 214 -11.03 12.52 27.48
C PHE B 214 -10.52 12.40 28.90
N ASN B 215 -11.40 11.86 29.74
CA ASN B 215 -11.04 11.60 31.11
C ASN B 215 -11.24 10.11 31.39
N ARG B 216 -10.30 9.52 32.11
CA ARG B 216 -10.31 8.08 32.43
C ARG B 216 -11.51 7.64 33.27
N ASN B 217 -11.77 8.40 34.34
CA ASN B 217 -12.91 8.18 35.22
C ASN B 217 -13.82 9.40 35.17
C1 GP1 C . 10.22 -17.04 -35.83
C2 GP1 C . 11.25 -15.92 -35.61
C3 GP1 C . 12.45 -16.43 -34.78
C4 GP1 C . 11.95 -17.03 -33.49
C5 GP1 C . 10.98 -18.14 -33.87
C6 GP1 C . 10.41 -18.84 -32.66
N2 GP1 C . 11.72 -15.36 -36.89
O1 GP1 C . 10.76 -18.05 -36.76
O3 GP1 C . 13.34 -15.34 -34.51
O4 GP1 C . 13.05 -17.57 -32.78
O6 GP1 C . 9.84 -20.04 -33.18
O5 GP1 C . 9.84 -17.58 -34.55
O7B GP1 C . 10.81 -20.57 -37.07
P4B GP1 C . 9.93 -19.38 -37.26
O8B GP1 C . 9.76 -19.13 -38.84
O9B GP1 C . 8.58 -19.33 -36.66
N2 Z9M C . 7.68 -21.05 -34.83
P1 Z9M C . 4.87 -23.65 -30.30
O6 Z9M C . 8.02 -19.93 -28.67
O3 Z9M C . 6.72 -23.52 -33.29
C1 Z9M C . 8.58 -20.40 -32.63
O4 Z9M C . 5.53 -22.28 -30.77
C2 Z9M C . 7.99 -21.53 -33.46
O5 Z9M C . 8.77 -20.88 -31.30
C3 Z9M C . 6.77 -22.19 -32.80
O9 Z9M C . 4.73 -24.44 -31.67
C4 Z9M C . 6.85 -22.27 -31.26
O7 Z9M C . 3.47 -23.36 -29.87
C5 Z9M C . 7.52 -21.05 -30.68
O8 Z9M C . 5.83 -24.37 -29.42
C6 Z9M C . 7.79 -21.24 -29.21
C1 KDO C . 7.95 -20.53 -26.28
O1A KDO C . 6.74 -20.27 -26.18
O1B KDO C . 8.58 -21.29 -25.51
C2 KDO C . 8.74 -19.85 -27.45
C3 KDO C . 8.91 -18.36 -27.19
C4 KDO C . 9.91 -17.75 -28.18
O4 KDO C . 10.19 -16.41 -27.77
C5 KDO C . 11.21 -18.51 -28.16
O5 KDO C . 11.73 -18.53 -26.84
C6 KDO C . 10.91 -19.95 -28.56
O6 KDO C . 10.03 -20.49 -27.54
C7 KDO C . 12.16 -20.85 -28.71
O7 KDO C . 13.15 -20.23 -29.57
C8 KDO C . 11.76 -22.20 -29.33
O8 KDO C . 12.70 -23.22 -28.98
C1 KDO C . 10.49 -15.58 -30.04
O1A KDO C . 9.73 -15.64 -31.05
O1B KDO C . 11.73 -15.68 -30.05
C2 KDO C . 9.84 -15.35 -28.67
C3 KDO C . 10.38 -14.02 -28.12
C4 KDO C . 9.65 -13.55 -26.86
O4 KDO C . 10.04 -12.20 -26.61
C5 KDO C . 8.10 -13.63 -26.97
O5 KDO C . 7.53 -12.57 -27.76
C6 KDO C . 7.69 -15.01 -27.52
O6 KDO C . 8.38 -15.27 -28.76
C7 KDO C . 6.21 -15.13 -27.80
O7 KDO C . 5.85 -14.36 -28.96
C8 KDO C . 5.37 -14.63 -26.65
O8 KDO C . 4.06 -15.09 -26.86
C1 KDO C . 3.25 -13.76 -24.90
O1A KDO C . 3.16 -12.51 -24.72
O1B KDO C . 3.45 -14.61 -23.99
C2 KDO C . 3.02 -14.26 -26.37
C3 KDO C . 1.72 -15.09 -26.42
C4 KDO C . 1.17 -15.31 -27.85
O4 KDO C . -0.20 -15.74 -27.73
C5 KDO C . 1.15 -14.05 -28.62
O5 KDO C . 0.13 -13.22 -28.02
C6 KDO C . 2.54 -13.36 -28.61
O6 KDO C . 2.99 -13.12 -27.26
C7 KDO C . 2.48 -11.97 -29.23
O7 KDO C . 1.89 -11.98 -30.52
C8 KDO C . 3.90 -11.40 -29.34
O8 KDO C . 4.68 -12.24 -30.15
C1 NAG D . 21.81 -7.15 -2.46
C2 NAG D . 21.65 -6.17 -3.63
C3 NAG D . 22.68 -6.45 -4.71
C4 NAG D . 24.06 -6.43 -4.07
C5 NAG D . 24.11 -7.54 -3.00
C6 NAG D . 25.48 -7.76 -2.36
C7 NAG D . 19.29 -5.44 -3.73
C8 NAG D . 17.92 -5.65 -4.29
N2 NAG D . 20.27 -6.26 -4.12
O3 NAG D . 22.59 -5.48 -5.77
O4 NAG D . 25.08 -6.56 -5.06
O5 NAG D . 23.16 -7.19 -1.97
O6 NAG D . 25.47 -8.95 -1.56
O7 NAG D . 19.49 -4.54 -2.93
#